data_4V1G
#
_entry.id   4V1G
#
_cell.length_a   73.670
_cell.length_b   73.670
_cell.length_c   166.170
_cell.angle_alpha   90.00
_cell.angle_beta   90.00
_cell.angle_gamma   120.00
#
_symmetry.space_group_name_H-M   'H 3'
#
loop_
_entity.id
_entity.type
_entity.pdbx_description
1 polymer 'F0F1 ATP SYNTHASE SUBUNIT C'
2 non-polymer 'octyl beta-D-glucopyranoside'
3 water water
#
_entity_poly.entity_id   1
_entity_poly.type   'polypeptide(L)'
_entity_poly.pdbx_seq_one_letter_code
;MELDPNALITAGALIGGGLIMGGGAIGAGIGDGIAGNALISGIARQPEAQGRLFTPFFITVGLVEAAYFINLAFMALFVF
ATPGLQ
;
_entity_poly.pdbx_strand_id   A,B,C
#
# COMPACT_ATOMS: atom_id res chain seq x y z
N GLU A 2 -16.62 28.14 20.45
CA GLU A 2 -15.98 27.25 21.40
C GLU A 2 -15.48 26.01 20.69
N LEU A 3 -14.17 25.86 20.69
CA LEU A 3 -13.53 24.66 20.24
C LEU A 3 -12.53 24.32 21.33
N ASP A 4 -11.90 23.18 21.22
CA ASP A 4 -10.73 22.93 22.03
C ASP A 4 -9.80 22.16 21.11
N PRO A 5 -8.51 22.02 21.49
CA PRO A 5 -7.57 21.41 20.57
C PRO A 5 -7.97 19.98 20.22
N ASN A 6 -8.45 19.21 21.20
CA ASN A 6 -8.74 17.81 20.90
C ASN A 6 -9.90 17.69 19.93
N ALA A 7 -10.77 18.68 19.86
CA ALA A 7 -11.85 18.57 18.82
C ALA A 7 -11.28 18.48 17.42
N LEU A 8 -10.24 19.28 17.16
CA LEU A 8 -9.61 19.29 15.83
C LEU A 8 -8.76 18.05 15.63
N ILE A 9 -8.03 17.67 16.66
CA ILE A 9 -7.20 16.45 16.57
C ILE A 9 -8.08 15.21 16.33
N THR A 10 -9.17 15.13 17.07
CA THR A 10 -10.06 13.98 16.94
C THR A 10 -10.73 13.99 15.58
N ALA A 11 -11.14 15.15 15.10
CA ALA A 11 -11.67 15.18 13.70
C ALA A 11 -10.64 14.66 12.71
N GLY A 12 -9.39 15.09 12.85
CA GLY A 12 -8.30 14.60 11.98
C GLY A 12 -8.12 13.09 12.11
N ALA A 13 -8.20 12.58 13.32
CA ALA A 13 -8.02 11.15 13.58
C ALA A 13 -9.11 10.34 12.89
N LEU A 14 -10.35 10.84 12.91
CA LEU A 14 -11.49 10.09 12.30
C LEU A 14 -11.33 10.15 10.78
N ILE A 15 -10.95 11.31 10.24
CA ILE A 15 -10.75 11.38 8.77
C ILE A 15 -9.57 10.43 8.40
N GLY A 16 -8.46 10.49 9.13
CA GLY A 16 -7.32 9.61 8.86
C GLY A 16 -7.70 8.13 8.99
N GLY A 17 -8.46 7.79 10.01
CA GLY A 17 -8.92 6.40 10.21
C GLY A 17 -9.80 5.99 9.05
N GLY A 18 -10.66 6.88 8.57
CA GLY A 18 -11.54 6.59 7.42
C GLY A 18 -10.71 6.34 6.17
N LEU A 19 -9.69 7.14 5.94
CA LEU A 19 -8.78 6.91 4.78
C LEU A 19 -8.11 5.55 4.90
N ILE A 20 -7.66 5.20 6.09
CA ILE A 20 -6.98 3.91 6.30
C ILE A 20 -7.94 2.78 5.96
N MET A 21 -9.16 2.83 6.45
CA MET A 21 -10.08 1.69 6.20
C MET A 21 -10.70 1.73 4.82
N GLY A 22 -10.91 2.93 4.28
CA GLY A 22 -11.43 3.02 2.92
C GLY A 22 -10.41 2.46 1.96
N GLY A 23 -9.13 2.81 2.11
CA GLY A 23 -8.10 2.22 1.23
C GLY A 23 -7.99 0.73 1.50
N GLY A 24 -8.08 0.27 2.74
CA GLY A 24 -7.93 -1.17 3.03
C GLY A 24 -9.00 -1.93 2.28
N ALA A 25 -10.23 -1.45 2.27
CA ALA A 25 -11.30 -2.22 1.61
C ALA A 25 -11.18 -2.20 0.11
N ILE A 26 -10.65 -1.11 -0.45
CA ILE A 26 -10.42 -1.05 -1.94
C ILE A 26 -9.40 -2.16 -2.25
N GLY A 27 -8.31 -2.19 -1.50
CA GLY A 27 -7.26 -3.20 -1.74
C GLY A 27 -7.75 -4.60 -1.51
N ALA A 28 -8.52 -4.81 -0.46
CA ALA A 28 -8.96 -6.17 -0.14
C ALA A 28 -10.06 -6.64 -1.10
N GLY A 29 -11.04 -5.79 -1.40
CA GLY A 29 -12.13 -6.27 -2.26
C GLY A 29 -11.59 -6.54 -3.66
N ILE A 30 -10.81 -5.61 -4.19
CA ILE A 30 -10.30 -5.82 -5.56
C ILE A 30 -9.22 -6.90 -5.55
N GLY A 31 -8.32 -6.92 -4.58
CA GLY A 31 -7.28 -7.99 -4.60
C GLY A 31 -7.88 -9.39 -4.45
N ASP A 32 -8.85 -9.56 -3.57
CA ASP A 32 -9.51 -10.88 -3.40
C ASP A 32 -10.31 -11.26 -4.64
N GLY A 33 -10.96 -10.28 -5.27
CA GLY A 33 -11.70 -10.55 -6.51
C GLY A 33 -10.78 -11.00 -7.61
N ILE A 34 -9.63 -10.37 -7.71
CA ILE A 34 -8.68 -10.75 -8.75
C ILE A 34 -8.07 -12.13 -8.48
N ALA A 35 -7.79 -12.43 -7.22
CA ALA A 35 -7.34 -13.79 -6.85
C ALA A 35 -8.42 -14.81 -7.17
N GLY A 36 -9.65 -14.55 -6.78
CA GLY A 36 -10.74 -15.48 -7.05
C GLY A 36 -11.01 -15.66 -8.52
N ASN A 37 -10.80 -14.62 -9.33
CA ASN A 37 -10.98 -14.74 -10.79
C ASN A 37 -10.09 -15.86 -11.33
N ALA A 38 -8.83 -15.86 -10.88
CA ALA A 38 -7.89 -16.95 -11.29
C ALA A 38 -8.31 -18.32 -10.77
N LEU A 39 -8.79 -18.37 -9.53
CA LEU A 39 -9.28 -19.65 -8.96
C LEU A 39 -10.42 -20.23 -9.79
N ILE A 40 -11.42 -19.38 -10.09
CA ILE A 40 -12.59 -19.80 -10.85
C ILE A 40 -12.19 -20.24 -12.26
N SER A 41 -11.33 -19.43 -12.92
CA SER A 41 -10.90 -19.78 -14.29
C SER A 41 -10.07 -21.02 -14.31
N GLY A 42 -9.22 -21.17 -13.30
CA GLY A 42 -8.39 -22.37 -13.25
C GLY A 42 -9.22 -23.61 -13.10
N ILE A 43 -10.28 -23.54 -12.32
CA ILE A 43 -11.12 -24.71 -12.08
C ILE A 43 -11.95 -25.02 -13.32
N ALA A 44 -12.32 -23.96 -14.04
CA ALA A 44 -13.05 -24.16 -15.27
C ALA A 44 -12.18 -24.85 -16.32
N ARG A 45 -10.90 -24.43 -16.37
CA ARG A 45 -9.95 -24.94 -17.38
CA ARG A 45 -9.93 -24.94 -17.36
C ARG A 45 -9.42 -26.32 -17.00
N GLN A 46 -9.23 -26.54 -15.70
CA GLN A 46 -8.54 -27.73 -15.17
C GLN A 46 -9.24 -28.28 -13.91
N PRO A 47 -10.44 -28.83 -14.09
CA PRO A 47 -11.29 -29.33 -12.99
C PRO A 47 -10.53 -30.21 -12.00
N GLU A 48 -9.66 -31.07 -12.50
CA GLU A 48 -8.94 -31.97 -11.60
C GLU A 48 -8.05 -31.17 -10.62
N ALA A 49 -7.71 -29.93 -11.00
CA ALA A 49 -6.84 -29.07 -10.17
C ALA A 49 -7.57 -28.31 -9.09
N GLN A 50 -8.88 -28.49 -9.01
CA GLN A 50 -9.72 -27.71 -8.08
C GLN A 50 -9.10 -27.64 -6.70
N GLY A 51 -8.85 -28.81 -6.13
CA GLY A 51 -8.28 -28.89 -4.79
C GLY A 51 -6.92 -28.23 -4.67
N ARG A 52 -5.98 -28.53 -5.58
CA ARG A 52 -4.67 -27.87 -5.47
C ARG A 52 -4.61 -26.36 -5.75
N LEU A 53 -5.59 -25.81 -6.44
CA LEU A 53 -5.53 -24.32 -6.67
C LEU A 53 -5.85 -23.54 -5.41
N PHE A 54 -6.48 -24.20 -4.45
CA PHE A 54 -6.83 -23.46 -3.23
C PHE A 54 -5.60 -23.08 -2.39
N THR A 55 -4.51 -23.83 -2.49
CA THR A 55 -3.30 -23.46 -1.75
C THR A 55 -2.68 -22.10 -2.19
N PRO A 56 -2.40 -21.91 -3.49
CA PRO A 56 -1.91 -20.56 -3.85
C PRO A 56 -2.98 -19.50 -3.65
N PHE A 57 -4.25 -19.90 -3.76
CA PHE A 57 -5.33 -18.93 -3.55
C PHE A 57 -5.32 -18.40 -2.12
N PHE A 58 -5.17 -19.30 -1.15
CA PHE A 58 -5.22 -18.86 0.25
C PHE A 58 -3.94 -18.14 0.66
N ILE A 59 -2.82 -18.46 0.04
CA ILE A 59 -1.62 -17.67 0.24
C ILE A 59 -1.85 -16.22 -0.20
N THR A 60 -2.45 -16.09 -1.39
CA THR A 60 -2.72 -14.78 -1.95
C THR A 60 -3.72 -14.01 -1.09
N VAL A 61 -4.81 -14.67 -0.74
CA VAL A 61 -5.83 -13.99 0.11
C VAL A 61 -5.21 -13.60 1.46
N GLY A 62 -4.30 -14.43 1.97
CA GLY A 62 -3.66 -14.13 3.24
C GLY A 62 -2.85 -12.85 3.18
N LEU A 63 -2.09 -12.69 2.11
CA LEU A 63 -1.37 -11.46 1.89
C LEU A 63 -2.29 -10.24 1.75
N VAL A 64 -3.35 -10.40 0.98
CA VAL A 64 -4.29 -9.30 0.76
C VAL A 64 -4.93 -8.90 2.10
N GLU A 65 -5.38 -9.89 2.84
CA GLU A 65 -6.06 -9.62 4.12
C GLU A 65 -5.07 -9.06 5.14
N ALA A 66 -3.78 -9.42 5.02
CA ALA A 66 -2.81 -8.85 5.99
C ALA A 66 -2.79 -7.33 5.87
N ALA A 67 -2.82 -6.80 4.65
CA ALA A 67 -2.87 -5.35 4.43
C ALA A 67 -4.15 -4.81 5.05
N TYR A 68 -5.25 -5.51 4.84
CA TYR A 68 -6.56 -5.02 5.34
C TYR A 68 -6.53 -4.91 6.89
N PHE A 69 -6.02 -5.95 7.54
CA PHE A 69 -6.09 -6.00 9.00
C PHE A 69 -4.96 -5.24 9.65
N ILE A 70 -3.81 -5.10 9.00
CA ILE A 70 -2.80 -4.20 9.59
C ILE A 70 -3.38 -2.77 9.51
N ASN A 71 -4.01 -2.43 8.38
CA ASN A 71 -4.67 -1.10 8.30
C ASN A 71 -5.69 -0.98 9.40
N LEU A 72 -6.52 -2.00 9.59
CA LEU A 72 -7.57 -1.90 10.63
C LEU A 72 -6.94 -1.60 12.00
N ALA A 73 -5.83 -2.26 12.31
CA ALA A 73 -5.18 -2.07 13.61
C ALA A 73 -4.74 -0.61 13.73
N PHE A 74 -4.23 -0.05 12.65
CA PHE A 74 -3.80 1.38 12.75
C PHE A 74 -4.97 2.32 12.76
N MET A 75 -6.06 1.97 12.09
CA MET A 75 -7.27 2.80 12.27
C MET A 75 -7.69 2.81 13.76
N ALA A 76 -7.62 1.65 14.39
CA ALA A 76 -8.03 1.53 15.81
C ALA A 76 -7.11 2.39 16.68
N LEU A 77 -5.83 2.36 16.36
CA LEU A 77 -4.87 3.23 17.05
C LEU A 77 -5.24 4.71 16.88
N PHE A 78 -5.48 5.10 15.62
CA PHE A 78 -5.82 6.51 15.37
C PHE A 78 -7.03 6.95 16.14
N VAL A 79 -8.06 6.12 16.22
CA VAL A 79 -9.33 6.66 16.76
C VAL A 79 -9.54 6.32 18.23
N PHE A 80 -8.85 5.30 18.76
CA PHE A 80 -9.00 4.97 20.19
C PHE A 80 -7.79 5.32 21.04
N ALA A 81 -6.63 5.51 20.42
CA ALA A 81 -5.43 5.87 21.18
C ALA A 81 -4.65 6.93 20.42
N THR A 82 -5.36 8.00 20.09
CA THR A 82 -4.88 8.98 19.12
C THR A 82 -3.49 9.55 19.45
N PRO A 83 -2.50 9.30 18.60
CA PRO A 83 -1.17 9.90 18.83
C PRO A 83 -1.22 11.42 18.73
N GLY A 84 -0.64 12.13 19.70
CA GLY A 84 -0.67 13.58 19.67
C GLY A 84 -1.90 14.20 20.34
N LEU A 85 -2.78 13.37 20.88
CA LEU A 85 -3.91 13.94 21.60
C LEU A 85 -3.42 14.80 22.75
N GLN A 86 -4.15 15.88 23.03
CA GLN A 86 -3.74 16.84 24.06
C GLN A 86 -4.55 16.69 25.34
N MET B 1 -13.51 29.59 22.65
CA MET B 1 -12.81 28.93 21.55
C MET B 1 -11.30 28.92 21.77
N GLU B 2 -10.73 27.72 21.87
CA GLU B 2 -9.28 27.59 21.97
C GLU B 2 -8.74 26.49 21.04
N LEU B 3 -7.84 26.91 20.18
CA LEU B 3 -7.02 26.00 19.41
C LEU B 3 -5.59 26.31 19.81
N ASP B 4 -4.66 25.47 19.42
CA ASP B 4 -3.25 25.84 19.52
C ASP B 4 -2.59 25.34 18.23
N PRO B 5 -1.35 25.76 17.94
CA PRO B 5 -0.72 25.36 16.68
C PRO B 5 -0.63 23.84 16.48
N ASN B 6 -0.32 23.09 17.54
CA ASN B 6 -0.15 21.65 17.36
C ASN B 6 -1.46 20.94 17.12
N ALA B 7 -2.58 21.54 17.51
CA ALA B 7 -3.86 20.89 17.20
C ALA B 7 -3.99 20.82 15.69
N LEU B 8 -3.63 21.89 15.00
CA LEU B 8 -3.75 21.89 13.53
C LEU B 8 -2.70 21.01 12.88
N ILE B 9 -1.48 21.10 13.37
CA ILE B 9 -0.40 20.27 12.85
C ILE B 9 -0.69 18.78 13.05
N THR B 10 -1.11 18.39 14.25
CA THR B 10 -1.42 17.00 14.51
C THR B 10 -2.62 16.52 13.69
N ALA B 11 -3.66 17.34 13.51
CA ALA B 11 -4.76 16.95 12.63
C ALA B 11 -4.24 16.71 11.19
N GLY B 12 -3.36 17.57 10.69
CA GLY B 12 -2.78 17.39 9.35
C GLY B 12 -1.93 16.11 9.30
N ALA B 13 -1.17 15.84 10.36
CA ALA B 13 -0.33 14.63 10.44
C ALA B 13 -1.17 13.36 10.36
N LEU B 14 -2.31 13.37 11.04
CA LEU B 14 -3.18 12.17 11.07
C LEU B 14 -3.83 11.96 9.71
N ILE B 15 -4.27 13.06 9.08
CA ILE B 15 -4.85 12.95 7.73
C ILE B 15 -3.76 12.47 6.78
N GLY B 16 -2.59 13.09 6.85
CA GLY B 16 -1.47 12.65 5.99
C GLY B 16 -1.07 11.20 6.25
N GLY B 17 -1.02 10.75 7.51
CA GLY B 17 -0.68 9.36 7.83
C GLY B 17 -1.75 8.46 7.26
N GLY B 18 -3.01 8.88 7.32
CA GLY B 18 -4.11 8.07 6.79
C GLY B 18 -3.99 7.93 5.26
N LEU B 19 -3.63 9.00 4.58
CA LEU B 19 -3.43 8.94 3.09
C LEU B 19 -2.31 7.95 2.78
N ILE B 20 -1.22 8.01 3.55
CA ILE B 20 -0.06 7.14 3.33
C ILE B 20 -0.45 5.68 3.46
N MET B 21 -1.17 5.35 4.53
CA MET B 21 -1.54 3.92 4.72
C MET B 21 -2.74 3.50 3.87
N GLY B 22 -3.69 4.38 3.59
CA GLY B 22 -4.81 4.07 2.68
C GLY B 22 -4.21 3.74 1.33
N GLY B 23 -3.26 4.55 0.87
CA GLY B 23 -2.69 4.27 -0.47
C GLY B 23 -1.83 3.02 -0.40
N GLY B 24 -1.09 2.83 0.68
CA GLY B 24 -0.26 1.62 0.82
C GLY B 24 -1.15 0.36 0.68
N ALA B 25 -2.30 0.34 1.34
CA ALA B 25 -3.11 -0.91 1.29
C ALA B 25 -3.75 -1.11 -0.08
N ILE B 26 -4.07 -0.01 -0.77
CA ILE B 26 -4.62 -0.12 -2.14
C ILE B 26 -3.57 -0.77 -3.01
N GLY B 27 -2.35 -0.27 -2.93
CA GLY B 27 -1.25 -0.84 -3.76
C GLY B 27 -0.91 -2.26 -3.34
N ALA B 28 -0.92 -2.57 -2.04
CA ALA B 28 -0.49 -3.92 -1.62
C ALA B 28 -1.60 -4.93 -1.89
N GLY B 29 -2.85 -4.58 -1.61
CA GLY B 29 -3.93 -5.55 -1.80
C GLY B 29 -4.07 -5.87 -3.28
N ILE B 30 -4.11 -4.84 -4.11
CA ILE B 30 -4.32 -5.09 -5.57
C ILE B 30 -3.04 -5.66 -6.16
N GLY B 31 -1.87 -5.15 -5.81
CA GLY B 31 -0.65 -5.75 -6.38
C GLY B 31 -0.46 -7.22 -6.00
N ASP B 32 -0.71 -7.53 -4.74
CA ASP B 32 -0.55 -8.95 -4.32
C ASP B 32 -1.63 -9.81 -4.96
N GLY B 33 -2.84 -9.28 -5.13
CA GLY B 33 -3.90 -10.09 -5.79
C GLY B 33 -3.53 -10.35 -7.25
N ILE B 34 -2.97 -9.35 -7.90
CA ILE B 34 -2.55 -9.54 -9.31
C ILE B 34 -1.39 -10.50 -9.41
N ALA B 35 -0.43 -10.40 -8.49
CA ALA B 35 0.68 -11.39 -8.52
C ALA B 35 0.15 -12.81 -8.28
N GLY B 36 -0.76 -12.96 -7.32
CA GLY B 36 -1.27 -14.27 -6.98
C GLY B 36 -2.15 -14.82 -8.08
N ASN B 37 -2.83 -13.95 -8.80
CA ASN B 37 -3.64 -14.38 -9.96
C ASN B 37 -2.77 -15.15 -10.96
N ALA B 38 -1.59 -14.63 -11.21
CA ALA B 38 -0.66 -15.35 -12.11
C ALA B 38 -0.12 -16.65 -11.53
N LEU B 39 0.15 -16.67 -10.24
CA LEU B 39 0.62 -17.92 -9.57
C LEU B 39 -0.44 -19.02 -9.69
N ILE B 40 -1.68 -18.63 -9.41
CA ILE B 40 -2.80 -19.59 -9.46
C ILE B 40 -2.99 -20.09 -10.87
N SER B 41 -3.02 -19.17 -11.83
CA SER B 41 -3.21 -19.61 -13.24
C SER B 41 -2.05 -20.45 -13.73
N GLY B 42 -0.84 -20.10 -13.30
CA GLY B 42 0.35 -20.81 -13.75
C GLY B 42 0.37 -22.21 -13.24
N ILE B 43 -0.07 -22.42 -12.00
CA ILE B 43 -0.17 -23.77 -11.44
C ILE B 43 -1.31 -24.55 -12.06
N ALA B 44 -2.40 -23.87 -12.44
CA ALA B 44 -3.50 -24.56 -13.13
C ALA B 44 -3.03 -25.10 -14.47
N ARG B 45 -2.24 -24.29 -15.17
CA ARG B 45 -1.73 -24.67 -16.50
C ARG B 45 -0.58 -25.66 -16.43
N GLN B 46 0.36 -25.42 -15.53
CA GLN B 46 1.56 -26.27 -15.40
C GLN B 46 1.80 -26.74 -13.98
N PRO B 47 1.01 -27.71 -13.50
CA PRO B 47 1.09 -28.05 -12.07
C PRO B 47 2.50 -28.46 -11.61
N GLU B 48 3.29 -28.96 -12.54
CA GLU B 48 4.68 -29.33 -12.29
C GLU B 48 5.59 -28.11 -12.14
N ALA B 49 5.13 -26.95 -12.61
CA ALA B 49 5.87 -25.72 -12.40
C ALA B 49 6.01 -25.53 -10.90
N GLN B 50 4.97 -24.97 -10.28
CA GLN B 50 4.91 -24.81 -8.83
C GLN B 50 6.24 -24.30 -8.26
N GLY B 51 7.22 -25.20 -8.17
CA GLY B 51 8.55 -24.85 -7.70
C GLY B 51 9.16 -23.64 -8.35
N ARG B 52 9.18 -23.60 -9.68
CA ARG B 52 9.81 -22.49 -10.39
C ARG B 52 8.95 -21.23 -10.41
N LEU B 53 7.72 -21.32 -9.94
CA LEU B 53 6.85 -20.12 -9.94
C LEU B 53 6.94 -19.38 -8.64
N PHE B 54 7.36 -20.06 -7.59
CA PHE B 54 7.30 -19.37 -6.31
C PHE B 54 8.43 -18.33 -6.13
N THR B 55 9.59 -18.54 -6.76
CA THR B 55 10.64 -17.52 -6.75
C THR B 55 10.20 -16.17 -7.43
N PRO B 56 9.68 -16.19 -8.68
CA PRO B 56 9.17 -14.92 -9.21
C PRO B 56 7.99 -14.37 -8.40
N PHE B 57 7.15 -15.24 -7.87
CA PHE B 57 6.04 -14.77 -7.03
C PHE B 57 6.56 -14.02 -5.80
N PHE B 58 7.56 -14.60 -5.13
CA PHE B 58 8.07 -13.98 -3.89
C PHE B 58 8.83 -12.70 -4.17
N ILE B 59 9.54 -12.62 -5.29
CA ILE B 59 10.20 -11.38 -5.67
C ILE B 59 9.14 -10.28 -5.91
N THR B 60 8.07 -10.64 -6.61
CA THR B 60 7.02 -9.67 -6.88
C THR B 60 6.34 -9.21 -5.59
N VAL B 61 5.95 -10.18 -4.76
CA VAL B 61 5.30 -9.82 -3.48
C VAL B 61 6.29 -9.00 -2.60
N GLY B 62 7.57 -9.30 -2.64
CA GLY B 62 8.54 -8.55 -1.85
C GLY B 62 8.58 -7.11 -2.29
N LEU B 63 8.53 -6.87 -3.60
CA LEU B 63 8.50 -5.50 -4.09
C LEU B 63 7.23 -4.76 -3.68
N VAL B 64 6.09 -5.44 -3.82
CA VAL B 64 4.81 -4.83 -3.44
C VAL B 64 4.82 -4.51 -1.94
N GLU B 65 5.26 -5.45 -1.13
CA GLU B 65 5.25 -5.26 0.34
C GLU B 65 6.27 -4.18 0.74
N ALA B 66 7.36 -4.05 -0.02
CA ALA B 66 8.30 -2.97 0.30
C ALA B 66 7.63 -1.61 0.23
N ALA B 67 6.76 -1.38 -0.76
CA ALA B 67 6.02 -0.11 -0.83
C ALA B 67 5.12 0.03 0.38
N TYR B 68 4.46 -1.06 0.74
CA TYR B 68 3.51 -1.02 1.88
C TYR B 68 4.25 -0.63 3.17
N PHE B 69 5.39 -1.28 3.41
CA PHE B 69 6.07 -1.09 4.71
C PHE B 69 6.93 0.16 4.73
N ILE B 70 7.45 0.60 3.58
CA ILE B 70 8.12 1.91 3.58
C ILE B 70 7.04 2.97 3.87
N ASN B 71 5.86 2.86 3.26
CA ASN B 71 4.78 3.80 3.59
C ASN B 71 4.45 3.71 5.07
N LEU B 72 4.38 2.50 5.61
CA LEU B 72 3.99 2.37 7.03
C LEU B 72 5.00 3.11 7.90
N ALA B 73 6.28 2.98 7.59
CA ALA B 73 7.34 3.65 8.37
C ALA B 73 7.13 5.16 8.31
N PHE B 74 6.81 5.70 7.14
CA PHE B 74 6.58 7.16 7.10
C PHE B 74 5.27 7.56 7.76
N MET B 75 4.24 6.73 7.69
CA MET B 75 3.03 7.03 8.50
C MET B 75 3.44 7.14 9.97
N ALA B 76 4.27 6.22 10.43
CA ALA B 76 4.68 6.21 11.86
C ALA B 76 5.44 7.48 12.17
N LEU B 77 6.33 7.89 11.27
CA LEU B 77 7.03 9.18 11.44
C LEU B 77 6.04 10.36 11.56
N PHE B 78 5.08 10.39 10.66
CA PHE B 78 4.12 11.48 10.63
C PHE B 78 3.35 11.58 11.92
N VAL B 79 2.94 10.44 12.48
CA VAL B 79 2.00 10.56 13.58
C VAL B 79 2.67 10.41 14.94
N PHE B 80 3.84 9.72 15.04
CA PHE B 80 4.51 9.58 16.36
C PHE B 80 5.68 10.53 16.54
N ALA B 81 6.16 11.14 15.44
CA ALA B 81 7.30 12.07 15.51
C ALA B 81 7.13 13.18 14.50
N THR B 82 5.97 13.83 14.54
CA THR B 82 5.57 14.68 13.44
C THR B 82 6.60 15.73 13.05
N PRO B 83 7.09 15.71 11.81
CA PRO B 83 8.04 16.77 11.42
C PRO B 83 7.33 18.13 11.38
N GLY B 84 7.94 19.14 12.00
CA GLY B 84 7.34 20.47 12.04
C GLY B 84 6.45 20.73 13.24
N LEU B 85 6.29 19.72 14.09
CA LEU B 85 5.54 19.99 15.33
C LEU B 85 6.15 21.15 16.11
N GLN B 86 5.27 21.97 16.69
CA GLN B 86 5.70 23.18 17.41
C GLN B 86 5.62 22.95 18.90
N GLU C 2 -5.99 29.94 19.04
CA GLU C 2 -4.67 30.52 18.78
C GLU C 2 -3.84 29.66 17.80
N LEU C 3 -3.31 30.33 16.79
CA LEU C 3 -2.63 29.66 15.68
C LEU C 3 -1.47 30.55 15.31
N ASP C 4 -0.60 30.06 14.43
CA ASP C 4 0.41 30.89 13.80
C ASP C 4 0.49 30.41 12.33
N PRO C 5 1.12 31.20 11.47
CA PRO C 5 1.06 30.84 10.04
C PRO C 5 1.69 29.48 9.72
N ASN C 6 2.81 29.15 10.37
CA ASN C 6 3.44 27.86 10.06
C ASN C 6 2.65 26.68 10.54
N ALA C 7 1.73 26.86 11.49
CA ALA C 7 0.89 25.72 11.87
C ALA C 7 0.03 25.28 10.68
N LEU C 8 -0.53 26.25 9.94
CA LEU C 8 -1.40 25.96 8.81
C LEU C 8 -0.52 25.45 7.65
N ILE C 9 0.63 26.09 7.47
CA ILE C 9 1.53 25.62 6.37
C ILE C 9 2.00 24.20 6.59
N THR C 10 2.42 23.88 7.81
CA THR C 10 2.88 22.52 8.11
C THR C 10 1.74 21.51 8.01
N ALA C 11 0.55 21.87 8.44
CA ALA C 11 -0.60 20.96 8.23
C ALA C 11 -0.78 20.67 6.73
N GLY C 12 -0.72 21.70 5.90
CA GLY C 12 -0.87 21.50 4.45
C GLY C 12 0.28 20.63 3.93
N ALA C 13 1.50 20.84 4.44
CA ALA C 13 2.69 20.08 3.97
C ALA C 13 2.52 18.61 4.28
N LEU C 14 1.99 18.30 5.46
CA LEU C 14 1.79 16.89 5.87
C LEU C 14 0.70 16.24 5.02
N ILE C 15 -0.38 16.97 4.76
CA ILE C 15 -1.45 16.40 3.91
C ILE C 15 -0.87 16.20 2.50
N GLY C 16 -0.18 17.21 2.01
CA GLY C 16 0.42 17.12 0.66
C GLY C 16 1.44 15.98 0.59
N GLY C 17 2.27 15.80 1.63
CA GLY C 17 3.28 14.74 1.64
C GLY C 17 2.56 13.40 1.68
N GLY C 18 1.44 13.31 2.40
CA GLY C 18 0.70 12.05 2.48
C GLY C 18 0.09 11.71 1.14
N LEU C 19 -0.40 12.69 0.41
CA LEU C 19 -0.93 12.46 -0.96
C LEU C 19 0.16 11.92 -1.87
N ILE C 20 1.35 12.54 -1.79
CA ILE C 20 2.48 12.14 -2.62
C ILE C 20 2.86 10.69 -2.35
N MET C 21 2.94 10.30 -1.09
CA MET C 21 3.37 8.91 -0.79
C MET C 21 2.20 7.93 -0.96
N GLY C 22 0.97 8.33 -0.66
CA GLY C 22 -0.17 7.44 -0.88
C GLY C 22 -0.25 7.13 -2.37
N GLY C 23 -0.15 8.15 -3.23
CA GLY C 23 -0.21 7.87 -4.68
C GLY C 23 1.02 7.08 -5.11
N GLY C 24 2.21 7.38 -4.58
CA GLY C 24 3.42 6.59 -4.94
C GLY C 24 3.17 5.11 -4.67
N ALA C 25 2.60 4.76 -3.52
CA ALA C 25 2.47 3.32 -3.21
C ALA C 25 1.40 2.66 -4.05
N ILE C 26 0.36 3.40 -4.40
CA ILE C 26 -0.67 2.82 -5.30
C ILE C 26 -0.04 2.49 -6.65
N GLY C 27 0.76 3.42 -7.16
CA GLY C 27 1.39 3.17 -8.48
C GLY C 27 2.44 2.09 -8.34
N ALA C 28 3.23 2.05 -7.27
CA ALA C 28 4.32 1.05 -7.16
C ALA C 28 3.75 -0.34 -6.92
N GLY C 29 2.78 -0.45 -6.00
CA GLY C 29 2.28 -1.79 -5.67
C GLY C 29 1.58 -2.40 -6.86
N ILE C 30 0.72 -1.61 -7.49
CA ILE C 30 -0.04 -2.16 -8.61
C ILE C 30 0.86 -2.31 -9.82
N GLY C 31 1.71 -1.34 -10.11
CA GLY C 31 2.57 -1.52 -11.31
C GLY C 31 3.54 -2.70 -11.15
N ASP C 32 4.11 -2.87 -9.96
CA ASP C 32 5.02 -4.03 -9.74
C ASP C 32 4.23 -5.33 -9.81
N GLY C 33 3.02 -5.36 -9.26
CA GLY C 33 2.18 -6.58 -9.34
C GLY C 33 1.87 -6.93 -10.79
N ILE C 34 1.57 -5.93 -11.59
CA ILE C 34 1.21 -6.20 -12.99
C ILE C 34 2.43 -6.69 -13.79
N ALA C 35 3.59 -6.11 -13.52
CA ALA C 35 4.84 -6.60 -14.15
C ALA C 35 5.11 -8.04 -13.74
N GLY C 36 4.98 -8.32 -12.46
CA GLY C 36 5.27 -9.64 -11.92
C GLY C 36 4.29 -10.67 -12.45
N ASN C 37 3.07 -10.25 -12.72
CA ASN C 37 2.05 -11.17 -13.27
C ASN C 37 2.56 -11.74 -14.62
N ALA C 38 3.15 -10.87 -15.44
CA ALA C 38 3.68 -11.31 -16.74
C ALA C 38 4.91 -12.20 -16.57
N LEU C 39 5.74 -11.85 -15.58
CA LEU C 39 6.94 -12.68 -15.33
C LEU C 39 6.53 -14.09 -14.93
N ILE C 40 5.62 -14.17 -13.97
CA ILE C 40 5.16 -15.48 -13.48
C ILE C 40 4.49 -16.28 -14.56
N SER C 41 3.57 -15.64 -15.30
CA SER C 41 2.89 -16.34 -16.41
C SER C 41 3.85 -16.83 -17.49
N GLY C 42 4.84 -15.98 -17.77
CA GLY C 42 5.80 -16.29 -18.80
C GLY C 42 6.65 -17.47 -18.41
N ILE C 43 7.05 -17.53 -17.15
CA ILE C 43 7.85 -18.68 -16.68
C ILE C 43 6.98 -19.94 -16.63
N ALA C 44 5.71 -19.79 -16.26
CA ALA C 44 4.83 -20.96 -16.26
C ALA C 44 4.72 -21.56 -17.65
N ARG C 45 4.56 -20.71 -18.66
CA ARG C 45 4.42 -21.19 -20.03
C ARG C 45 5.68 -21.86 -20.53
N GLN C 46 6.82 -21.35 -20.08
CA GLN C 46 8.10 -21.82 -20.58
C GLN C 46 9.23 -21.54 -19.58
N PRO C 47 9.49 -22.52 -18.71
CA PRO C 47 10.50 -22.48 -17.63
C PRO C 47 11.90 -22.07 -18.09
N GLU C 48 12.28 -22.42 -19.31
CA GLU C 48 13.60 -22.09 -19.83
C GLU C 48 13.77 -20.60 -20.15
N ALA C 49 12.68 -19.84 -20.08
CA ALA C 49 12.69 -18.42 -20.39
C ALA C 49 12.94 -17.57 -19.17
N GLN C 50 13.18 -18.19 -18.04
CA GLN C 50 13.32 -17.47 -16.78
C GLN C 50 14.32 -16.33 -16.89
N GLY C 51 15.55 -16.67 -17.24
CA GLY C 51 16.57 -15.66 -17.34
C GLY C 51 16.15 -14.53 -18.27
N ARG C 52 15.66 -14.89 -19.45
CA ARG C 52 15.40 -13.86 -20.43
C ARG C 52 14.17 -13.00 -20.05
N LEU C 53 13.32 -13.49 -19.15
CA LEU C 53 12.18 -12.67 -18.73
C LEU C 53 12.50 -11.75 -17.56
N PHE C 54 13.50 -12.10 -16.76
CA PHE C 54 13.83 -11.22 -15.63
C PHE C 54 14.39 -9.88 -16.12
N THR C 55 15.02 -9.85 -17.29
CA THR C 55 15.59 -8.59 -17.79
C THR C 55 14.50 -7.54 -18.06
N PRO C 56 13.48 -7.85 -18.89
CA PRO C 56 12.41 -6.84 -19.03
C PRO C 56 11.60 -6.59 -17.76
N PHE C 57 11.52 -7.60 -16.88
CA PHE C 57 10.86 -7.39 -15.60
C PHE C 57 11.60 -6.32 -14.78
N PHE C 58 12.91 -6.45 -14.68
CA PHE C 58 13.66 -5.49 -13.87
C PHE C 58 13.73 -4.10 -14.51
N ILE C 59 13.66 -4.01 -15.82
CA ILE C 59 13.53 -2.70 -16.46
C ILE C 59 12.20 -2.04 -16.10
N THR C 60 11.12 -2.83 -16.20
CA THR C 60 9.81 -2.32 -15.81
C THR C 60 9.75 -1.90 -14.35
N VAL C 61 10.26 -2.76 -13.46
CA VAL C 61 10.24 -2.43 -12.02
C VAL C 61 11.09 -1.18 -11.74
N GLY C 62 12.17 -1.01 -12.48
CA GLY C 62 13.02 0.17 -12.27
C GLY C 62 12.26 1.44 -12.59
N LEU C 63 11.50 1.41 -13.68
CA LEU C 63 10.64 2.53 -14.06
C LEU C 63 9.58 2.81 -13.02
N VAL C 64 8.91 1.76 -12.57
CA VAL C 64 7.84 1.91 -11.58
C VAL C 64 8.43 2.48 -10.28
N GLU C 65 9.55 1.92 -9.85
CA GLU C 65 10.17 2.37 -8.60
C GLU C 65 10.71 3.78 -8.71
N ALA C 66 11.10 4.20 -9.92
CA ALA C 66 11.56 5.59 -10.07
C ALA C 66 10.45 6.55 -9.70
N ALA C 67 9.22 6.26 -10.10
CA ALA C 67 8.09 7.09 -9.71
C ALA C 67 7.97 7.13 -8.18
N TYR C 68 8.08 5.95 -7.57
CA TYR C 68 7.89 5.83 -6.12
C TYR C 68 8.92 6.69 -5.40
N PHE C 69 10.19 6.56 -5.81
CA PHE C 69 11.26 7.20 -5.05
C PHE C 69 11.41 8.67 -5.41
N ILE C 70 11.07 9.08 -6.64
CA ILE C 70 11.03 10.52 -6.92
C ILE C 70 9.91 11.14 -6.07
N ASN C 71 8.77 10.48 -5.99
CA ASN C 71 7.71 10.99 -5.09
C ASN C 71 8.22 11.04 -3.65
N LEU C 72 8.94 10.00 -3.22
CA LEU C 72 9.39 9.97 -1.82
C LEU C 72 10.29 11.20 -1.56
N ALA C 73 11.15 11.52 -2.53
CA ALA C 73 12.07 12.66 -2.37
C ALA C 73 11.26 13.95 -2.21
N PHE C 74 10.22 14.11 -3.01
CA PHE C 74 9.42 15.35 -2.86
C PHE C 74 8.56 15.32 -1.62
N MET C 75 8.10 14.15 -1.17
CA MET C 75 7.47 14.13 0.18
C MET C 75 8.46 14.66 1.23
N ALA C 76 9.70 14.23 1.15
CA ALA C 76 10.73 14.66 2.13
C ALA C 76 10.95 16.16 2.04
N LEU C 77 10.96 16.69 0.82
CA LEU C 77 11.07 18.14 0.65
C LEU C 77 9.88 18.87 1.34
N PHE C 78 8.69 18.37 1.07
CA PHE C 78 7.49 18.99 1.66
C PHE C 78 7.53 18.97 3.17
N VAL C 79 7.95 17.85 3.79
CA VAL C 79 7.76 17.81 5.24
C VAL C 79 9.01 18.16 6.04
N PHE C 80 10.20 18.12 5.43
CA PHE C 80 11.44 18.53 6.13
C PHE C 80 12.02 19.86 5.70
N ALA C 81 11.67 20.34 4.52
CA ALA C 81 12.20 21.62 4.03
C ALA C 81 11.09 22.38 3.34
N THR C 82 10.00 22.53 4.07
CA THR C 82 8.72 22.92 3.49
C THR C 82 8.82 24.19 2.65
N PRO C 83 8.52 24.11 1.35
CA PRO C 83 8.54 25.33 0.53
C PRO C 83 7.44 26.27 1.00
N GLY C 84 7.79 27.52 1.29
CA GLY C 84 6.79 28.52 1.68
C GLY C 84 6.66 28.69 3.18
N LEU C 85 7.42 27.91 3.94
CA LEU C 85 7.42 28.10 5.40
C LEU C 85 7.81 29.54 5.74
N GLN C 86 7.14 30.08 6.74
CA GLN C 86 7.37 31.49 7.11
C GLN C 86 8.28 31.59 8.33
#